data_2GCZ
#
_entry.id   2GCZ
#
_entity_poly.entity_id   1
_entity_poly.type   'polypeptide(L)'
_entity_poly.pdbx_seq_one_letter_code
;GCCSHPACNVNNPHICG(NH2)
;
_entity_poly.pdbx_strand_id   A
#
# COMPACT_ATOMS: atom_id res chain seq x y z
N GLY A 1 -10.19 0.84 -3.69
CA GLY A 1 -9.18 0.86 -2.59
C GLY A 1 -7.78 1.01 -3.14
N CYS A 2 -6.86 1.48 -2.31
CA CYS A 2 -5.48 1.67 -2.73
C CYS A 2 -4.59 0.56 -2.18
N CYS A 3 -4.94 0.06 -1.00
CA CYS A 3 -4.17 -1.00 -0.34
C CYS A 3 -4.19 -2.31 -1.12
N SER A 4 -4.91 -2.34 -2.23
CA SER A 4 -4.96 -3.52 -3.08
C SER A 4 -4.02 -3.39 -4.28
N HIS A 5 -2.99 -2.56 -4.15
CA HIS A 5 -2.03 -2.35 -5.23
C HIS A 5 -0.61 -2.39 -4.70
N PRO A 6 0.27 -3.19 -5.33
CA PRO A 6 1.66 -3.36 -4.90
C PRO A 6 2.42 -2.04 -4.78
N ALA A 7 2.14 -1.12 -5.69
CA ALA A 7 2.80 0.18 -5.68
C ALA A 7 2.33 1.03 -4.53
N CYS A 8 1.04 0.93 -4.21
CA CYS A 8 0.45 1.69 -3.11
C CYS A 8 0.91 1.11 -1.77
N ASN A 9 1.37 -0.12 -1.79
CA ASN A 9 1.90 -0.76 -0.59
C ASN A 9 3.35 -0.36 -0.34
N VAL A 10 3.96 0.28 -1.33
CA VAL A 10 5.33 0.76 -1.18
C VAL A 10 5.37 2.06 -0.39
N ASN A 11 4.58 3.04 -0.82
CA ASN A 11 4.52 4.33 -0.13
C ASN A 11 3.75 4.22 1.17
N ASN A 12 2.83 3.26 1.23
CA ASN A 12 2.09 2.95 2.45
C ASN A 12 2.36 1.50 2.87
N PRO A 13 3.54 1.25 3.49
CA PRO A 13 4.01 -0.11 3.77
C PRO A 13 3.34 -0.79 4.95
N HIS A 14 3.45 -0.17 6.12
CA HIS A 14 2.99 -0.83 7.36
C HIS A 14 1.60 -0.35 7.75
N ILE A 15 1.11 0.64 7.04
CA ILE A 15 -0.23 1.15 7.27
C ILE A 15 -1.21 0.58 6.26
N CYS A 16 -0.70 0.29 5.08
CA CYS A 16 -1.55 -0.06 3.96
C CYS A 16 -1.12 -1.38 3.31
N GLY A 17 0.10 -1.83 3.60
CA GLY A 17 0.56 -3.08 3.05
C GLY A 17 0.78 -4.12 4.13
N GLY A 1 -4.76 4.97 0.35
CA GLY A 1 -5.70 3.85 0.09
C GLY A 1 -5.11 2.81 -0.85
N CYS A 2 -5.94 2.30 -1.76
CA CYS A 2 -5.52 1.30 -2.77
C CYS A 2 -4.56 0.26 -2.20
N CYS A 3 -4.94 -0.36 -1.09
CA CYS A 3 -4.08 -1.35 -0.43
C CYS A 3 -4.07 -2.68 -1.15
N SER A 4 -4.81 -2.78 -2.25
CA SER A 4 -4.75 -3.96 -3.09
C SER A 4 -3.84 -3.70 -4.30
N HIS A 5 -3.03 -2.65 -4.20
CA HIS A 5 -2.18 -2.23 -5.30
C HIS A 5 -0.72 -2.15 -4.85
N PRO A 6 0.19 -2.76 -5.62
CA PRO A 6 1.62 -2.85 -5.26
C PRO A 6 2.24 -1.50 -4.93
N ALA A 7 1.98 -0.50 -5.75
CA ALA A 7 2.55 0.83 -5.55
C ALA A 7 2.14 1.42 -4.20
N CYS A 8 0.85 1.30 -3.89
CA CYS A 8 0.31 1.81 -2.63
C CYS A 8 0.78 0.99 -1.44
N ASN A 9 1.29 -0.21 -1.70
CA ASN A 9 1.78 -1.07 -0.63
C ASN A 9 3.23 -0.74 -0.28
N VAL A 10 3.95 -0.18 -1.25
CA VAL A 10 5.34 0.21 -1.04
C VAL A 10 5.41 1.57 -0.35
N ASN A 11 4.73 2.54 -0.93
CA ASN A 11 4.70 3.90 -0.38
C ASN A 11 3.96 3.92 0.96
N ASN A 12 2.98 3.04 1.10
CA ASN A 12 2.22 2.90 2.33
C ASN A 12 2.41 1.49 2.88
N PRO A 13 3.56 1.20 3.51
CA PRO A 13 3.95 -0.17 3.86
C PRO A 13 3.37 -0.70 5.17
N HIS A 14 3.35 0.13 6.20
CA HIS A 14 2.89 -0.33 7.52
C HIS A 14 1.44 0.06 7.75
N ILE A 15 0.96 1.00 6.95
CA ILE A 15 -0.40 1.47 7.06
C ILE A 15 -1.30 0.80 6.06
N CYS A 16 -0.71 0.40 4.95
CA CYS A 16 -1.49 -0.05 3.81
C CYS A 16 -1.00 -1.39 3.26
N GLY A 17 0.28 -1.69 3.46
CA GLY A 17 0.83 -2.93 2.94
C GLY A 17 1.24 -3.88 4.04
N GLY A 1 -8.19 3.42 0.59
CA GLY A 1 -7.19 3.85 -0.40
C GLY A 1 -7.02 2.85 -1.52
N CYS A 2 -5.80 2.41 -1.75
CA CYS A 2 -5.52 1.43 -2.78
C CYS A 2 -4.59 0.34 -2.25
N CYS A 3 -4.97 -0.26 -1.12
CA CYS A 3 -4.16 -1.31 -0.49
C CYS A 3 -4.16 -2.62 -1.28
N SER A 4 -4.86 -2.64 -2.41
CA SER A 4 -4.86 -3.80 -3.28
C SER A 4 -3.90 -3.58 -4.45
N HIS A 5 -3.00 -2.60 -4.29
CA HIS A 5 -2.09 -2.22 -5.36
C HIS A 5 -0.66 -2.21 -4.84
N PRO A 6 0.25 -2.90 -5.53
CA PRO A 6 1.66 -3.01 -5.11
C PRO A 6 2.34 -1.67 -4.90
N ALA A 7 2.09 -0.74 -5.81
CA ALA A 7 2.68 0.61 -5.72
C ALA A 7 2.22 1.34 -4.46
N CYS A 8 0.93 1.22 -4.16
CA CYS A 8 0.37 1.82 -2.95
C CYS A 8 0.89 1.14 -1.70
N ASN A 9 1.28 -0.13 -1.84
CA ASN A 9 1.80 -0.89 -0.72
C ASN A 9 3.25 -0.50 -0.44
N VAL A 10 3.97 -0.09 -1.48
CA VAL A 10 5.34 0.39 -1.32
C VAL A 10 5.33 1.72 -0.56
N ASN A 11 4.49 2.64 -1.03
CA ASN A 11 4.39 3.96 -0.42
C ASN A 11 3.76 3.89 0.96
N ASN A 12 2.90 2.90 1.17
CA ASN A 12 2.21 2.71 2.44
C ASN A 12 2.42 1.30 2.97
N PRO A 13 3.60 1.03 3.57
CA PRO A 13 3.98 -0.32 3.99
C PRO A 13 3.54 -0.68 5.42
N HIS A 14 3.39 0.30 6.27
CA HIS A 14 3.09 0.05 7.68
C HIS A 14 1.61 0.21 8.00
N ILE A 15 0.95 1.04 7.21
CA ILE A 15 -0.47 1.29 7.41
C ILE A 15 -1.31 0.47 6.43
N CYS A 16 -0.77 0.29 5.25
CA CYS A 16 -1.55 -0.21 4.14
C CYS A 16 -1.14 -1.62 3.74
N GLY A 17 0.08 -1.76 3.26
CA GLY A 17 0.55 -3.05 2.80
C GLY A 17 1.97 -3.33 3.20
N GLY A 1 -10.00 -0.12 -3.26
CA GLY A 1 -9.03 0.16 -2.17
C GLY A 1 -7.62 0.32 -2.68
N CYS A 2 -6.91 1.32 -2.16
CA CYS A 2 -5.54 1.58 -2.58
C CYS A 2 -4.61 0.45 -2.14
N CYS A 3 -4.96 -0.20 -1.03
CA CYS A 3 -4.16 -1.31 -0.51
C CYS A 3 -4.27 -2.57 -1.38
N SER A 4 -4.93 -2.45 -2.52
CA SER A 4 -5.01 -3.55 -3.46
C SER A 4 -3.98 -3.36 -4.58
N HIS A 5 -3.02 -2.47 -4.35
CA HIS A 5 -2.03 -2.14 -5.37
C HIS A 5 -0.62 -2.22 -4.81
N PRO A 6 0.29 -2.89 -5.52
CA PRO A 6 1.69 -3.06 -5.09
C PRO A 6 2.38 -1.73 -4.79
N ALA A 7 2.24 -0.78 -5.71
CA ALA A 7 2.87 0.53 -5.55
C ALA A 7 2.33 1.26 -4.31
N CYS A 8 1.04 1.15 -4.09
CA CYS A 8 0.41 1.78 -2.93
C CYS A 8 0.84 1.08 -1.64
N ASN A 9 1.18 -0.20 -1.74
CA ASN A 9 1.66 -0.96 -0.59
C ASN A 9 3.12 -0.62 -0.27
N VAL A 10 3.84 -0.14 -1.27
CA VAL A 10 5.23 0.27 -1.08
C VAL A 10 5.28 1.64 -0.39
N ASN A 11 4.54 2.60 -0.94
CA ASN A 11 4.50 3.95 -0.39
C ASN A 11 3.78 3.97 0.96
N ASN A 12 2.88 3.02 1.13
CA ASN A 12 2.15 2.87 2.39
C ASN A 12 2.38 1.46 2.95
N PRO A 13 3.56 1.21 3.54
CA PRO A 13 3.99 -0.15 3.89
C PRO A 13 3.53 -0.64 5.27
N HIS A 14 3.54 0.24 6.26
CA HIS A 14 3.23 -0.15 7.63
C HIS A 14 1.79 0.17 7.99
N ILE A 15 1.13 0.90 7.10
CA ILE A 15 -0.25 1.30 7.29
C ILE A 15 -1.15 0.53 6.33
N CYS A 16 -0.66 0.39 5.10
CA CYS A 16 -1.48 -0.11 4.03
C CYS A 16 -0.95 -1.45 3.51
N GLY A 17 0.34 -1.67 3.66
CA GLY A 17 0.94 -2.92 3.20
C GLY A 17 1.13 -3.92 4.30
N GLY A 1 -9.07 3.33 -0.21
CA GLY A 1 -7.60 3.11 -0.12
C GLY A 1 -7.05 2.39 -1.34
N CYS A 2 -5.75 2.11 -1.32
CA CYS A 2 -5.12 1.39 -2.42
C CYS A 2 -4.24 0.26 -1.88
N CYS A 3 -4.72 -0.42 -0.84
CA CYS A 3 -3.98 -1.52 -0.25
C CYS A 3 -3.98 -2.77 -1.12
N SER A 4 -4.79 -2.76 -2.17
CA SER A 4 -4.80 -3.85 -3.14
C SER A 4 -3.95 -3.49 -4.36
N HIS A 5 -3.01 -2.56 -4.16
CA HIS A 5 -2.20 -2.05 -5.26
C HIS A 5 -0.73 -2.09 -4.87
N PRO A 6 0.08 -2.87 -5.59
CA PRO A 6 1.50 -3.10 -5.27
C PRO A 6 2.29 -1.82 -5.03
N ALA A 7 2.13 -0.85 -5.92
CA ALA A 7 2.85 0.42 -5.81
C ALA A 7 2.42 1.19 -4.57
N CYS A 8 1.13 1.19 -4.29
CA CYS A 8 0.60 1.85 -3.11
C CYS A 8 1.06 1.16 -1.82
N ASN A 9 1.35 -0.13 -1.92
CA ASN A 9 1.86 -0.90 -0.78
C ASN A 9 3.30 -0.52 -0.46
N VAL A 10 3.96 0.15 -1.40
CA VAL A 10 5.34 0.57 -1.21
C VAL A 10 5.40 1.88 -0.42
N ASN A 11 4.61 2.87 -0.85
CA ASN A 11 4.57 4.15 -0.15
C ASN A 11 3.71 4.06 1.10
N ASN A 12 2.82 3.07 1.14
CA ASN A 12 2.01 2.79 2.32
C ASN A 12 2.24 1.35 2.78
N PRO A 13 3.41 1.09 3.43
CA PRO A 13 3.83 -0.27 3.79
C PRO A 13 3.12 -0.82 5.01
N HIS A 14 3.25 -0.15 6.15
CA HIS A 14 2.69 -0.68 7.39
C HIS A 14 1.34 -0.06 7.70
N ILE A 15 1.00 1.00 6.99
CA ILE A 15 -0.26 1.68 7.21
C ILE A 15 -1.30 1.22 6.20
N CYS A 16 -0.87 0.36 5.29
CA CYS A 16 -1.74 -0.08 4.21
C CYS A 16 -1.53 -1.55 3.85
N GLY A 17 -0.37 -1.86 3.30
CA GLY A 17 -0.12 -3.22 2.85
C GLY A 17 0.67 -4.02 3.84
N GLY A 1 -8.05 4.82 -1.12
CA GLY A 1 -7.48 3.58 -0.52
C GLY A 1 -7.27 2.50 -1.56
N CYS A 2 -6.03 2.35 -2.01
CA CYS A 2 -5.70 1.33 -3.00
C CYS A 2 -4.72 0.31 -2.40
N CYS A 3 -5.06 -0.21 -1.23
CA CYS A 3 -4.21 -1.19 -0.54
C CYS A 3 -4.20 -2.55 -1.23
N SER A 4 -4.81 -2.64 -2.40
CA SER A 4 -4.78 -3.86 -3.20
C SER A 4 -3.72 -3.75 -4.29
N HIS A 5 -2.95 -2.65 -4.27
CA HIS A 5 -1.99 -2.37 -5.32
C HIS A 5 -0.58 -2.25 -4.75
N PRO A 6 0.40 -2.92 -5.39
CA PRO A 6 1.79 -2.93 -4.91
C PRO A 6 2.39 -1.55 -4.72
N ALA A 7 2.08 -0.63 -5.63
CA ALA A 7 2.59 0.73 -5.55
C ALA A 7 2.05 1.46 -4.33
N CYS A 8 0.78 1.24 -4.05
CA CYS A 8 0.16 1.85 -2.88
C CYS A 8 0.64 1.17 -1.60
N ASN A 9 1.11 -0.06 -1.72
CA ASN A 9 1.61 -0.81 -0.58
C ASN A 9 3.07 -0.50 -0.30
N VAL A 10 3.78 -0.02 -1.30
CA VAL A 10 5.19 0.30 -1.14
C VAL A 10 5.36 1.71 -0.58
N ASN A 11 4.49 2.62 -1.00
CA ASN A 11 4.44 3.96 -0.44
C ASN A 11 3.82 3.92 0.94
N ASN A 12 3.07 2.85 1.20
CA ASN A 12 2.35 2.68 2.46
C ASN A 12 2.53 1.26 2.99
N PRO A 13 3.72 0.94 3.52
CA PRO A 13 4.06 -0.43 3.95
C PRO A 13 3.45 -0.85 5.27
N HIS A 14 3.47 0.04 6.26
CA HIS A 14 3.03 -0.33 7.60
C HIS A 14 1.59 0.10 7.87
N ILE A 15 1.09 1.00 7.05
CA ILE A 15 -0.28 1.48 7.18
C ILE A 15 -1.20 0.77 6.22
N CYS A 16 -0.65 0.40 5.08
CA CYS A 16 -1.45 -0.09 3.97
C CYS A 16 -0.90 -1.41 3.41
N GLY A 17 0.22 -1.86 3.95
CA GLY A 17 0.79 -3.11 3.51
C GLY A 17 0.69 -4.19 4.55
N GLY A 1 -4.65 4.38 1.22
CA GLY A 1 -5.69 3.71 0.40
C GLY A 1 -5.08 2.73 -0.58
N CYS A 2 -5.88 2.28 -1.54
CA CYS A 2 -5.46 1.35 -2.60
C CYS A 2 -4.51 0.26 -2.09
N CYS A 3 -4.93 -0.45 -1.04
CA CYS A 3 -4.10 -1.52 -0.50
C CYS A 3 -4.14 -2.78 -1.36
N SER A 4 -4.85 -2.73 -2.48
CA SER A 4 -4.86 -3.81 -3.44
C SER A 4 -3.90 -3.49 -4.59
N HIS A 5 -3.00 -2.54 -4.34
CA HIS A 5 -2.11 -2.03 -5.38
C HIS A 5 -0.68 -2.01 -4.87
N PRO A 6 0.24 -2.69 -5.58
CA PRO A 6 1.67 -2.78 -5.20
C PRO A 6 2.28 -1.42 -4.86
N ALA A 7 1.97 -0.42 -5.68
CA ALA A 7 2.50 0.93 -5.48
C ALA A 7 2.10 1.48 -4.11
N CYS A 8 0.83 1.31 -3.76
CA CYS A 8 0.32 1.78 -2.47
C CYS A 8 0.74 0.85 -1.34
N ASN A 9 1.26 -0.33 -1.68
CA ASN A 9 1.74 -1.27 -0.68
C ASN A 9 3.16 -0.92 -0.27
N VAL A 10 3.93 -0.39 -1.21
CA VAL A 10 5.31 0.00 -0.96
C VAL A 10 5.36 1.41 -0.37
N ASN A 11 4.62 2.34 -0.98
CA ASN A 11 4.57 3.71 -0.51
C ASN A 11 3.86 3.81 0.82
N ASN A 12 2.88 2.92 1.00
CA ASN A 12 2.14 2.82 2.26
C ASN A 12 2.35 1.44 2.86
N PRO A 13 3.52 1.20 3.49
CA PRO A 13 3.91 -0.15 3.93
C PRO A 13 3.44 -0.52 5.33
N HIS A 14 3.38 0.46 6.22
CA HIS A 14 3.04 0.19 7.61
C HIS A 14 1.57 0.47 7.88
N ILE A 15 0.92 1.17 6.96
CA ILE A 15 -0.50 1.43 7.05
C ILE A 15 -1.27 0.59 6.06
N CYS A 16 -0.63 0.32 4.94
CA CYS A 16 -1.31 -0.27 3.80
C CYS A 16 -0.59 -1.52 3.32
N GLY A 17 0.36 -2.00 4.10
CA GLY A 17 1.09 -3.20 3.72
C GLY A 17 1.25 -4.15 4.87
N GLY A 1 -9.47 -1.00 -2.38
CA GLY A 1 -8.87 0.24 -1.83
C GLY A 1 -7.50 0.51 -2.42
N CYS A 2 -6.69 1.30 -1.73
CA CYS A 2 -5.34 1.57 -2.21
C CYS A 2 -4.42 0.41 -1.80
N CYS A 3 -4.85 -0.37 -0.82
CA CYS A 3 -4.12 -1.56 -0.42
C CYS A 3 -4.36 -2.70 -1.40
N SER A 4 -4.85 -2.36 -2.57
CA SER A 4 -5.07 -3.33 -3.63
C SER A 4 -3.99 -3.19 -4.70
N HIS A 5 -3.00 -2.35 -4.45
CA HIS A 5 -1.96 -2.07 -5.44
C HIS A 5 -0.58 -2.27 -4.83
N PRO A 6 0.32 -2.98 -5.53
CA PRO A 6 1.69 -3.19 -5.06
C PRO A 6 2.45 -1.89 -4.90
N ALA A 7 2.16 -0.93 -5.78
CA ALA A 7 2.79 0.38 -5.75
C ALA A 7 2.36 1.16 -4.51
N CYS A 8 1.07 1.12 -4.20
CA CYS A 8 0.54 1.81 -3.03
C CYS A 8 1.03 1.12 -1.76
N ASN A 9 1.30 -0.18 -1.85
CA ASN A 9 1.84 -0.92 -0.71
C ASN A 9 3.29 -0.53 -0.44
N VAL A 10 3.96 0.02 -1.45
CA VAL A 10 5.32 0.52 -1.27
C VAL A 10 5.31 1.82 -0.47
N ASN A 11 4.49 2.77 -0.90
CA ASN A 11 4.41 4.07 -0.24
C ASN A 11 3.72 3.92 1.11
N ASN A 12 2.79 2.98 1.19
CA ASN A 12 2.06 2.71 2.42
C ASN A 12 2.29 1.27 2.87
N PRO A 13 3.46 1.00 3.49
CA PRO A 13 3.86 -0.36 3.87
C PRO A 13 3.42 -0.78 5.26
N HIS A 14 3.44 0.15 6.20
CA HIS A 14 3.10 -0.16 7.59
C HIS A 14 1.67 0.25 7.91
N ILE A 15 1.11 1.10 7.07
CA ILE A 15 -0.25 1.59 7.28
C ILE A 15 -1.23 0.84 6.40
N CYS A 16 -0.75 0.43 5.25
CA CYS A 16 -1.62 -0.12 4.22
C CYS A 16 -1.29 -1.58 3.93
N GLY A 17 -0.19 -1.81 3.23
CA GLY A 17 0.19 -3.16 2.88
C GLY A 17 1.66 -3.41 3.06
N GLY A 1 -10.20 -0.15 -2.03
CA GLY A 1 -9.08 0.41 -1.23
C GLY A 1 -7.81 0.53 -2.05
N CYS A 2 -6.83 1.27 -1.53
CA CYS A 2 -5.58 1.47 -2.24
C CYS A 2 -4.58 0.38 -1.88
N CYS A 3 -4.87 -0.37 -0.83
CA CYS A 3 -3.98 -1.46 -0.42
C CYS A 3 -4.12 -2.67 -1.33
N SER A 4 -4.81 -2.47 -2.45
CA SER A 4 -4.98 -3.53 -3.43
C SER A 4 -4.00 -3.34 -4.60
N HIS A 5 -3.07 -2.39 -4.45
CA HIS A 5 -2.15 -2.07 -5.54
C HIS A 5 -0.71 -2.17 -5.06
N PRO A 6 0.16 -2.82 -5.85
CA PRO A 6 1.58 -3.03 -5.47
C PRO A 6 2.30 -1.77 -5.06
N ALA A 7 2.25 -0.75 -5.92
CA ALA A 7 2.93 0.52 -5.66
C ALA A 7 2.40 1.20 -4.41
N CYS A 8 1.09 1.11 -4.19
CA CYS A 8 0.47 1.73 -3.03
C CYS A 8 0.89 1.03 -1.74
N ASN A 9 1.21 -0.24 -1.85
CA ASN A 9 1.70 -1.02 -0.70
C ASN A 9 3.14 -0.67 -0.36
N VAL A 10 3.88 -0.13 -1.32
CA VAL A 10 5.26 0.25 -1.11
C VAL A 10 5.34 1.58 -0.35
N ASN A 11 4.71 2.61 -0.90
CA ASN A 11 4.72 3.94 -0.28
C ASN A 11 3.95 3.93 1.04
N ASN A 12 3.02 2.99 1.16
CA ASN A 12 2.22 2.84 2.38
C ASN A 12 2.38 1.43 2.93
N PRO A 13 3.51 1.15 3.62
CA PRO A 13 3.87 -0.21 4.03
C PRO A 13 3.47 -0.58 5.46
N HIS A 14 3.35 0.40 6.35
CA HIS A 14 3.04 0.12 7.75
C HIS A 14 1.56 0.29 8.04
N ILE A 15 0.91 1.06 7.20
CA ILE A 15 -0.51 1.34 7.33
C ILE A 15 -1.31 0.55 6.29
N CYS A 16 -0.72 0.44 5.12
CA CYS A 16 -1.42 -0.10 3.97
C CYS A 16 -0.75 -1.38 3.48
N GLY A 17 0.45 -1.63 3.97
CA GLY A 17 1.17 -2.81 3.55
C GLY A 17 1.06 -3.94 4.55
N GLY A 1 -9.62 1.61 -1.63
CA GLY A 1 -8.91 0.32 -1.59
C GLY A 1 -7.54 0.38 -2.23
N CYS A 2 -6.78 1.42 -1.90
CA CYS A 2 -5.44 1.59 -2.43
C CYS A 2 -4.52 0.46 -1.95
N CYS A 3 -4.86 -0.12 -0.81
CA CYS A 3 -4.07 -1.20 -0.22
C CYS A 3 -4.10 -2.48 -1.06
N SER A 4 -4.87 -2.47 -2.14
CA SER A 4 -4.92 -3.61 -3.04
C SER A 4 -4.01 -3.39 -4.25
N HIS A 5 -3.02 -2.51 -4.08
CA HIS A 5 -2.13 -2.15 -5.18
C HIS A 5 -0.68 -2.23 -4.72
N PRO A 6 0.15 -3.02 -5.44
CA PRO A 6 1.55 -3.25 -5.07
C PRO A 6 2.36 -1.96 -4.91
N ALA A 7 2.15 -1.01 -5.80
CA ALA A 7 2.86 0.26 -5.75
C ALA A 7 2.39 1.10 -4.58
N CYS A 8 1.11 1.01 -4.27
CA CYS A 8 0.53 1.74 -3.15
C CYS A 8 1.01 1.16 -1.83
N ASN A 9 1.40 -0.10 -1.85
CA ASN A 9 1.90 -0.78 -0.65
C ASN A 9 3.36 -0.40 -0.39
N VAL A 10 4.00 0.22 -1.37
CA VAL A 10 5.38 0.66 -1.20
C VAL A 10 5.44 1.94 -0.36
N ASN A 11 4.77 2.99 -0.82
CA ASN A 11 4.74 4.25 -0.09
C ASN A 11 3.81 4.18 1.12
N ASN A 12 3.01 3.11 1.18
CA ASN A 12 2.15 2.85 2.33
C ASN A 12 2.36 1.42 2.81
N PRO A 13 3.52 1.13 3.46
CA PRO A 13 3.91 -0.25 3.80
C PRO A 13 3.30 -0.80 5.08
N HIS A 14 3.28 0.00 6.13
CA HIS A 14 2.89 -0.49 7.45
C HIS A 14 1.43 -0.19 7.76
N ILE A 15 0.88 0.77 7.03
CA ILE A 15 -0.50 1.17 7.22
C ILE A 15 -1.40 0.53 6.17
N CYS A 16 -0.83 0.33 4.99
CA CYS A 16 -1.61 -0.06 3.84
C CYS A 16 -1.03 -1.30 3.16
N GLY A 17 0.18 -1.67 3.55
CA GLY A 17 0.83 -2.81 2.93
C GLY A 17 0.74 -4.06 3.77
N GLY A 1 -9.85 -0.35 -3.63
CA GLY A 1 -9.15 0.55 -2.69
C GLY A 1 -7.78 0.95 -3.20
N CYS A 2 -6.85 1.16 -2.27
CA CYS A 2 -5.48 1.50 -2.64
C CYS A 2 -4.55 0.40 -2.16
N CYS A 3 -4.87 -0.21 -1.02
CA CYS A 3 -4.07 -1.30 -0.47
C CYS A 3 -4.19 -2.58 -1.28
N SER A 4 -4.88 -2.48 -2.42
CA SER A 4 -5.00 -3.59 -3.33
C SER A 4 -4.02 -3.45 -4.49
N HIS A 5 -3.02 -2.57 -4.33
CA HIS A 5 -2.06 -2.29 -5.40
C HIS A 5 -0.64 -2.35 -4.86
N PRO A 6 0.30 -2.88 -5.68
CA PRO A 6 1.71 -3.01 -5.29
C PRO A 6 2.35 -1.69 -4.89
N ALA A 7 2.22 -0.70 -5.77
CA ALA A 7 2.83 0.62 -5.55
C ALA A 7 2.34 1.27 -4.27
N CYS A 8 1.02 1.24 -4.07
CA CYS A 8 0.40 1.83 -2.88
C CYS A 8 0.85 1.10 -1.61
N ASN A 9 1.18 -0.18 -1.75
CA ASN A 9 1.70 -0.95 -0.62
C ASN A 9 3.13 -0.55 -0.31
N VAL A 10 3.86 -0.11 -1.33
CA VAL A 10 5.24 0.34 -1.15
C VAL A 10 5.26 1.70 -0.47
N ASN A 11 4.44 2.63 -0.98
CA ASN A 11 4.34 3.97 -0.41
C ASN A 11 3.83 3.90 1.03
N ASN A 12 2.84 3.04 1.24
CA ASN A 12 2.23 2.88 2.56
C ASN A 12 2.49 1.46 3.09
N PRO A 13 3.71 1.23 3.62
CA PRO A 13 4.15 -0.12 4.01
C PRO A 13 3.34 -0.72 5.16
N HIS A 14 3.49 -0.17 6.35
CA HIS A 14 2.84 -0.73 7.53
C HIS A 14 1.55 0.01 7.85
N ILE A 15 1.22 0.97 7.02
CA ILE A 15 0.00 1.73 7.16
C ILE A 15 -1.06 1.18 6.22
N CYS A 16 -0.61 0.44 5.22
CA CYS A 16 -1.50 -0.02 4.16
C CYS A 16 -1.20 -1.46 3.72
N GLY A 17 0.08 -1.84 3.71
CA GLY A 17 0.43 -3.18 3.25
C GLY A 17 0.65 -4.13 4.41
N GLY A 1 -9.31 3.60 -0.53
CA GLY A 1 -7.84 3.57 -0.76
C GLY A 1 -7.48 2.70 -1.95
N CYS A 2 -6.25 2.19 -1.95
CA CYS A 2 -5.80 1.32 -3.02
C CYS A 2 -4.81 0.28 -2.48
N CYS A 3 -5.10 -0.25 -1.29
CA CYS A 3 -4.23 -1.24 -0.65
C CYS A 3 -4.19 -2.57 -1.39
N SER A 4 -4.84 -2.63 -2.53
CA SER A 4 -4.81 -3.82 -3.38
C SER A 4 -3.80 -3.65 -4.51
N HIS A 5 -2.93 -2.66 -4.38
CA HIS A 5 -1.97 -2.34 -5.44
C HIS A 5 -0.55 -2.28 -4.89
N PRO A 6 0.40 -2.92 -5.56
CA PRO A 6 1.81 -2.96 -5.14
C PRO A 6 2.39 -1.58 -4.86
N ALA A 7 2.08 -0.62 -5.72
CA ALA A 7 2.59 0.74 -5.56
C ALA A 7 2.03 1.41 -4.31
N CYS A 8 0.75 1.23 -4.07
CA CYS A 8 0.12 1.78 -2.87
C CYS A 8 0.61 1.07 -1.62
N ASN A 9 1.14 -0.14 -1.79
CA ASN A 9 1.62 -0.92 -0.66
C ASN A 9 3.07 -0.56 -0.32
N VAL A 10 3.80 -0.02 -1.30
CA VAL A 10 5.20 0.28 -1.09
C VAL A 10 5.39 1.65 -0.44
N ASN A 11 4.59 2.62 -0.87
CA ASN A 11 4.62 3.95 -0.24
C ASN A 11 3.81 3.93 1.04
N ASN A 12 3.09 2.83 1.26
CA ASN A 12 2.28 2.65 2.45
C ASN A 12 2.45 1.24 3.00
N PRO A 13 3.66 0.90 3.49
CA PRO A 13 3.97 -0.48 3.90
C PRO A 13 3.55 -0.82 5.32
N HIS A 14 3.54 0.17 6.20
CA HIS A 14 3.25 -0.07 7.61
C HIS A 14 1.81 0.26 7.96
N ILE A 15 1.20 1.11 7.16
CA ILE A 15 -0.19 1.50 7.37
C ILE A 15 -1.11 0.70 6.47
N CYS A 16 -0.72 0.62 5.21
CA CYS A 16 -1.54 0.03 4.18
C CYS A 16 -1.11 -1.41 3.91
N GLY A 17 0.16 -1.69 4.14
CA GLY A 17 0.67 -3.02 3.95
C GLY A 17 0.78 -3.77 5.27
N GLY A 1 -4.98 4.97 0.43
CA GLY A 1 -5.90 4.27 -0.50
C GLY A 1 -5.23 3.15 -1.25
N CYS A 2 -6.00 2.49 -2.14
CA CYS A 2 -5.51 1.38 -2.98
C CYS A 2 -4.59 0.43 -2.21
N CYS A 3 -5.07 -0.11 -1.11
CA CYS A 3 -4.28 -1.01 -0.28
C CYS A 3 -4.16 -2.41 -0.90
N SER A 4 -4.84 -2.63 -2.01
CA SER A 4 -4.74 -3.89 -2.73
C SER A 4 -3.77 -3.77 -3.90
N HIS A 5 -2.92 -2.74 -3.86
CA HIS A 5 -2.02 -2.45 -4.96
C HIS A 5 -0.59 -2.34 -4.48
N PRO A 6 0.32 -3.13 -5.07
CA PRO A 6 1.74 -3.19 -4.66
C PRO A 6 2.41 -1.82 -4.64
N ALA A 7 2.10 -0.98 -5.64
CA ALA A 7 2.68 0.35 -5.72
C ALA A 7 2.27 1.21 -4.54
N CYS A 8 0.99 1.14 -4.19
CA CYS A 8 0.47 1.90 -3.06
C CYS A 8 1.01 1.33 -1.75
N ASN A 9 1.38 0.06 -1.78
CA ASN A 9 1.95 -0.60 -0.61
C ASN A 9 3.43 -0.24 -0.45
N VAL A 10 4.01 0.35 -1.48
CA VAL A 10 5.38 0.84 -1.37
C VAL A 10 5.41 2.11 -0.53
N ASN A 11 4.58 3.08 -0.92
CA ASN A 11 4.48 4.35 -0.18
C ASN A 11 3.81 4.12 1.16
N ASN A 12 2.90 3.16 1.20
CA ASN A 12 2.15 2.83 2.41
C ASN A 12 2.31 1.36 2.78
N PRO A 13 3.47 0.99 3.35
CA PRO A 13 3.83 -0.41 3.60
C PRO A 13 3.09 -1.04 4.78
N HIS A 14 3.28 -0.49 5.97
CA HIS A 14 2.73 -1.08 7.18
C HIS A 14 1.43 -0.43 7.58
N ILE A 15 1.07 0.61 6.86
CA ILE A 15 -0.17 1.33 7.10
C ILE A 15 -1.25 0.87 6.14
N CYS A 16 -0.81 0.32 5.02
CA CYS A 16 -1.70 0.01 3.93
C CYS A 16 -1.40 -1.36 3.30
N GLY A 17 -0.21 -1.88 3.56
CA GLY A 17 0.15 -3.18 3.04
C GLY A 17 0.11 -4.26 4.11
N GLY A 1 -4.81 4.32 0.96
CA GLY A 1 -5.70 4.02 -0.17
C GLY A 1 -5.13 2.95 -1.08
N CYS A 2 -5.99 2.39 -1.95
CA CYS A 2 -5.60 1.32 -2.90
C CYS A 2 -4.64 0.31 -2.28
N CYS A 3 -5.01 -0.22 -1.11
CA CYS A 3 -4.15 -1.17 -0.40
C CYS A 3 -4.09 -2.54 -1.07
N SER A 4 -4.83 -2.70 -2.16
CA SER A 4 -4.77 -3.93 -2.94
C SER A 4 -3.86 -3.75 -4.15
N HIS A 5 -2.98 -2.74 -4.08
CA HIS A 5 -2.12 -2.38 -5.19
C HIS A 5 -0.66 -2.34 -4.75
N PRO A 6 0.24 -3.00 -5.50
CA PRO A 6 1.66 -3.07 -5.16
C PRO A 6 2.29 -1.70 -4.92
N ALA A 7 2.07 -0.77 -5.86
CA ALA A 7 2.63 0.57 -5.76
C ALA A 7 2.17 1.31 -4.51
N CYS A 8 0.91 1.14 -4.16
CA CYS A 8 0.36 1.80 -2.99
C CYS A 8 0.94 1.21 -1.70
N ASN A 9 1.30 -0.06 -1.76
CA ASN A 9 1.89 -0.74 -0.60
C ASN A 9 3.35 -0.34 -0.41
N VAL A 10 3.98 0.17 -1.47
CA VAL A 10 5.36 0.61 -1.39
C VAL A 10 5.47 1.87 -0.52
N ASN A 11 4.67 2.87 -0.84
CA ASN A 11 4.65 4.13 -0.09
C ASN A 11 3.97 3.96 1.25
N ASN A 12 2.98 3.07 1.28
CA ASN A 12 2.21 2.81 2.50
C ASN A 12 2.33 1.34 2.90
N PRO A 13 3.48 0.96 3.50
CA PRO A 13 3.79 -0.45 3.80
C PRO A 13 3.22 -0.94 5.12
N HIS A 14 3.31 -0.12 6.15
CA HIS A 14 2.89 -0.54 7.49
C HIS A 14 1.49 -0.05 7.82
N ILE A 15 1.03 0.91 7.04
CA ILE A 15 -0.31 1.45 7.22
C ILE A 15 -1.28 0.82 6.23
N CYS A 16 -0.74 0.40 5.11
CA CYS A 16 -1.57 -0.01 3.98
C CYS A 16 -1.14 -1.37 3.42
N GLY A 17 -0.04 -1.90 3.93
CA GLY A 17 0.43 -3.20 3.46
C GLY A 17 0.05 -4.31 4.41
N GLY A 1 -8.69 4.49 -0.53
CA GLY A 1 -7.47 3.67 -0.35
C GLY A 1 -7.24 2.73 -1.51
N CYS A 2 -5.99 2.35 -1.74
CA CYS A 2 -5.66 1.43 -2.82
C CYS A 2 -4.72 0.34 -2.32
N CYS A 3 -5.02 -0.23 -1.17
CA CYS A 3 -4.18 -1.26 -0.57
C CYS A 3 -4.21 -2.58 -1.34
N SER A 4 -4.89 -2.59 -2.48
CA SER A 4 -4.90 -3.76 -3.35
C SER A 4 -3.91 -3.58 -4.49
N HIS A 5 -2.97 -2.64 -4.33
CA HIS A 5 -2.01 -2.31 -5.38
C HIS A 5 -0.59 -2.31 -4.83
N PRO A 6 0.36 -2.91 -5.58
CA PRO A 6 1.76 -3.01 -5.15
C PRO A 6 2.40 -1.65 -4.84
N ALA A 7 2.11 -0.67 -5.67
CA ALA A 7 2.69 0.67 -5.50
C ALA A 7 2.13 1.36 -4.25
N CYS A 8 0.85 1.15 -3.99
CA CYS A 8 0.22 1.72 -2.81
C CYS A 8 0.70 1.02 -1.54
N ASN A 9 1.19 -0.21 -1.69
CA ASN A 9 1.70 -0.97 -0.56
C ASN A 9 3.14 -0.59 -0.25
N VAL A 10 3.86 -0.09 -1.25
CA VAL A 10 5.23 0.33 -1.05
C VAL A 10 5.28 1.77 -0.53
N ASN A 11 4.41 2.62 -1.07
CA ASN A 11 4.28 3.99 -0.59
C ASN A 11 3.61 4.01 0.78
N ASN A 12 2.98 2.89 1.13
CA ASN A 12 2.29 2.75 2.41
C ASN A 12 2.58 1.38 3.03
N PRO A 13 3.78 1.23 3.62
CA PRO A 13 4.27 -0.06 4.13
C PRO A 13 3.46 -0.64 5.29
N HIS A 14 3.51 0.02 6.42
CA HIS A 14 2.93 -0.53 7.65
C HIS A 14 1.54 0.04 7.89
N ILE A 15 1.11 0.94 7.03
CA ILE A 15 -0.20 1.54 7.13
C ILE A 15 -1.17 0.87 6.18
N CYS A 16 -0.63 0.32 5.12
CA CYS A 16 -1.45 -0.15 4.02
C CYS A 16 -1.00 -1.53 3.51
N GLY A 17 0.28 -1.83 3.65
CA GLY A 17 0.79 -3.10 3.18
C GLY A 17 1.06 -4.07 4.31
N GLY A 1 -5.47 4.71 0.50
CA GLY A 1 -6.31 4.04 -0.52
C GLY A 1 -5.53 3.02 -1.30
N CYS A 2 -6.22 2.33 -2.22
CA CYS A 2 -5.63 1.30 -3.09
C CYS A 2 -4.66 0.39 -2.34
N CYS A 3 -5.06 -0.07 -1.16
CA CYS A 3 -4.22 -0.98 -0.37
C CYS A 3 -4.19 -2.38 -0.95
N SER A 4 -4.90 -2.56 -2.06
CA SER A 4 -4.88 -3.82 -2.80
C SER A 4 -3.92 -3.74 -3.97
N HIS A 5 -3.03 -2.74 -3.95
CA HIS A 5 -2.12 -2.48 -5.05
C HIS A 5 -0.69 -2.41 -4.55
N PRO A 6 0.24 -3.13 -5.22
CA PRO A 6 1.65 -3.22 -4.79
C PRO A 6 2.34 -1.87 -4.69
N ALA A 7 2.08 -0.99 -5.65
CA ALA A 7 2.70 0.33 -5.67
C ALA A 7 2.23 1.16 -4.48
N CYS A 8 0.94 1.10 -4.19
CA CYS A 8 0.39 1.81 -3.04
C CYS A 8 0.93 1.25 -1.74
N ASN A 9 1.40 0.00 -1.78
CA ASN A 9 1.94 -0.67 -0.60
C ASN A 9 3.42 -0.34 -0.42
N VAL A 10 4.01 0.36 -1.39
CA VAL A 10 5.40 0.78 -1.28
C VAL A 10 5.49 2.05 -0.44
N ASN A 11 4.74 3.08 -0.85
CA ASN A 11 4.74 4.35 -0.12
C ASN A 11 3.90 4.25 1.16
N ASN A 12 3.01 3.26 1.20
CA ASN A 12 2.24 2.97 2.41
C ASN A 12 2.42 1.50 2.81
N PRO A 13 3.56 1.18 3.46
CA PRO A 13 3.97 -0.21 3.72
C PRO A 13 3.27 -0.88 4.90
N HIS A 14 3.35 -0.27 6.08
CA HIS A 14 2.85 -0.95 7.29
C HIS A 14 1.45 -0.50 7.64
N ILE A 15 0.99 0.55 6.97
CA ILE A 15 -0.34 1.07 7.21
C ILE A 15 -1.31 0.55 6.17
N CYS A 16 -0.78 0.34 4.99
CA CYS A 16 -1.60 0.03 3.83
C CYS A 16 -1.23 -1.31 3.20
N GLY A 17 -0.03 -1.80 3.49
CA GLY A 17 0.38 -3.08 2.96
C GLY A 17 0.66 -4.09 4.05
N GLY A 1 -8.85 3.74 -0.05
CA GLY A 1 -7.44 3.65 -0.51
C GLY A 1 -7.25 2.56 -1.54
N CYS A 2 -6.01 2.34 -1.95
CA CYS A 2 -5.72 1.31 -2.95
C CYS A 2 -4.76 0.27 -2.37
N CYS A 3 -5.08 -0.25 -1.19
CA CYS A 3 -4.21 -1.23 -0.52
C CYS A 3 -4.10 -2.55 -1.29
N SER A 4 -4.81 -2.68 -2.39
CA SER A 4 -4.71 -3.88 -3.22
C SER A 4 -3.78 -3.65 -4.42
N HIS A 5 -2.91 -2.65 -4.32
CA HIS A 5 -2.02 -2.29 -5.43
C HIS A 5 -0.58 -2.24 -4.96
N PRO A 6 0.36 -2.77 -5.76
CA PRO A 6 1.78 -2.85 -5.39
C PRO A 6 2.39 -1.51 -5.00
N ALA A 7 2.16 -0.49 -5.82
CA ALA A 7 2.71 0.83 -5.57
C ALA A 7 2.09 1.47 -4.33
N CYS A 8 0.80 1.22 -4.14
CA CYS A 8 0.11 1.76 -2.96
C CYS A 8 0.61 1.08 -1.70
N ASN A 9 1.05 -0.16 -1.82
CA ASN A 9 1.55 -0.91 -0.66
C ASN A 9 2.99 -0.53 -0.34
N VAL A 10 3.76 -0.17 -1.35
CA VAL A 10 5.16 0.14 -1.13
C VAL A 10 5.34 1.53 -0.53
N ASN A 11 4.50 2.48 -0.97
CA ASN A 11 4.52 3.82 -0.39
C ASN A 11 3.67 3.86 0.87
N ASN A 12 3.07 2.72 1.21
CA ASN A 12 2.26 2.59 2.42
C ASN A 12 2.49 1.23 3.07
N PRO A 13 3.68 1.02 3.67
CA PRO A 13 4.12 -0.30 4.14
C PRO A 13 3.52 -0.71 5.49
N HIS A 14 3.52 0.21 6.44
CA HIS A 14 3.08 -0.11 7.79
C HIS A 14 1.63 0.30 8.03
N ILE A 15 1.12 1.14 7.14
CA ILE A 15 -0.24 1.63 7.25
C ILE A 15 -1.18 0.85 6.35
N CYS A 16 -0.64 0.37 5.24
CA CYS A 16 -1.46 -0.19 4.19
C CYS A 16 -0.99 -1.57 3.74
N GLY A 17 0.28 -1.87 3.99
CA GLY A 17 0.83 -3.15 3.57
C GLY A 17 0.87 -4.14 4.72
N GLY A 1 -9.61 2.59 -0.11
CA GLY A 1 -8.21 3.01 -0.37
C GLY A 1 -7.64 2.34 -1.60
N CYS A 2 -6.35 2.03 -1.56
CA CYS A 2 -5.72 1.34 -2.68
C CYS A 2 -4.71 0.31 -2.18
N CYS A 3 -5.00 -0.30 -1.04
CA CYS A 3 -4.09 -1.29 -0.45
C CYS A 3 -4.03 -2.59 -1.23
N SER A 4 -4.79 -2.67 -2.31
CA SER A 4 -4.73 -3.83 -3.19
C SER A 4 -3.84 -3.55 -4.39
N HIS A 5 -2.93 -2.60 -4.24
CA HIS A 5 -2.06 -2.18 -5.34
C HIS A 5 -0.62 -2.10 -4.88
N PRO A 6 0.31 -2.73 -5.63
CA PRO A 6 1.74 -2.79 -5.28
C PRO A 6 2.33 -1.43 -4.91
N ALA A 7 1.99 -0.41 -5.69
CA ALA A 7 2.49 0.93 -5.45
C ALA A 7 2.08 1.45 -4.08
N CYS A 8 0.81 1.27 -3.74
CA CYS A 8 0.29 1.71 -2.45
C CYS A 8 0.81 0.84 -1.31
N ASN A 9 1.34 -0.33 -1.63
CA ASN A 9 1.88 -1.23 -0.61
C ASN A 9 3.32 -0.85 -0.27
N VAL A 10 4.04 -0.32 -1.27
CA VAL A 10 5.41 0.13 -1.05
C VAL A 10 5.42 1.53 -0.46
N ASN A 11 4.65 2.42 -1.06
CA ASN A 11 4.55 3.81 -0.59
C ASN A 11 3.92 3.84 0.79
N ASN A 12 2.98 2.93 1.02
CA ASN A 12 2.26 2.83 2.29
C ASN A 12 2.43 1.44 2.87
N PRO A 13 3.59 1.15 3.50
CA PRO A 13 3.95 -0.21 3.92
C PRO A 13 3.33 -0.66 5.23
N HIS A 14 3.32 0.22 6.23
CA HIS A 14 2.88 -0.19 7.56
C HIS A 14 1.44 0.22 7.82
N ILE A 15 0.91 1.07 6.96
CA ILE A 15 -0.47 1.48 7.05
C ILE A 15 -1.32 0.74 6.03
N CYS A 16 -0.69 0.46 4.89
CA CYS A 16 -1.43 -0.05 3.75
C CYS A 16 -0.81 -1.36 3.22
N GLY A 17 0.22 -1.84 3.90
CA GLY A 17 0.87 -3.06 3.46
C GLY A 17 0.65 -4.20 4.43
N GLY A 1 -10.47 0.58 -2.03
CA GLY A 1 -9.27 0.83 -1.20
C GLY A 1 -8.05 1.14 -2.04
N CYS A 2 -6.88 1.16 -1.41
CA CYS A 2 -5.64 1.43 -2.11
C CYS A 2 -4.65 0.29 -1.89
N CYS A 3 -4.88 -0.49 -0.84
CA CYS A 3 -3.98 -1.60 -0.49
C CYS A 3 -4.09 -2.78 -1.45
N SER A 4 -4.86 -2.60 -2.52
CA SER A 4 -4.97 -3.61 -3.56
C SER A 4 -4.07 -3.26 -4.74
N HIS A 5 -3.09 -2.39 -4.50
CA HIS A 5 -2.20 -1.93 -5.56
C HIS A 5 -0.74 -2.06 -5.12
N PRO A 6 0.11 -2.65 -5.98
CA PRO A 6 1.52 -2.91 -5.66
C PRO A 6 2.27 -1.68 -5.17
N ALA A 7 2.20 -0.60 -5.95
CA ALA A 7 2.91 0.63 -5.61
C ALA A 7 2.38 1.24 -4.32
N CYS A 8 1.07 1.19 -4.13
CA CYS A 8 0.44 1.74 -2.93
C CYS A 8 0.88 0.98 -1.68
N ASN A 9 1.26 -0.28 -1.85
CA ASN A 9 1.77 -1.10 -0.74
C ASN A 9 3.22 -0.75 -0.42
N VAL A 10 3.93 -0.20 -1.39
CA VAL A 10 5.33 0.17 -1.20
C VAL A 10 5.43 1.50 -0.45
N ASN A 11 4.68 2.49 -0.90
CA ASN A 11 4.69 3.81 -0.26
C ASN A 11 3.96 3.77 1.08
N ASN A 12 3.01 2.86 1.20
CA ASN A 12 2.23 2.73 2.43
C ASN A 12 2.40 1.33 3.03
N PRO A 13 3.52 1.09 3.75
CA PRO A 13 3.88 -0.24 4.23
C PRO A 13 3.34 -0.58 5.62
N HIS A 14 3.35 0.40 6.53
CA HIS A 14 2.90 0.13 7.89
C HIS A 14 1.46 0.57 8.08
N ILE A 15 0.95 1.32 7.12
CA ILE A 15 -0.44 1.74 7.13
C ILE A 15 -1.26 0.89 6.17
N CYS A 16 -0.60 0.45 5.11
CA CYS A 16 -1.28 -0.21 4.01
C CYS A 16 -0.58 -1.51 3.61
N GLY A 17 0.28 -2.02 4.48
CA GLY A 17 0.96 -3.27 4.19
C GLY A 17 0.30 -4.45 4.87
N GLY A 1 -9.49 3.26 -0.96
CA GLY A 1 -8.02 3.23 -0.79
C GLY A 1 -7.33 2.45 -1.89
N CYS A 2 -6.08 2.10 -1.69
CA CYS A 2 -5.31 1.37 -2.69
C CYS A 2 -4.44 0.29 -2.04
N CYS A 3 -4.90 -0.25 -0.92
CA CYS A 3 -4.14 -1.27 -0.20
C CYS A 3 -4.09 -2.60 -0.95
N SER A 4 -4.77 -2.68 -2.07
CA SER A 4 -4.72 -3.89 -2.91
C SER A 4 -3.77 -3.71 -4.08
N HIS A 5 -2.96 -2.64 -4.03
CA HIS A 5 -2.08 -2.31 -5.16
C HIS A 5 -0.63 -2.22 -4.71
N PRO A 6 0.27 -2.94 -5.40
CA PRO A 6 1.69 -3.02 -5.02
C PRO A 6 2.38 -1.66 -4.90
N ALA A 7 2.04 -0.73 -5.79
CA ALA A 7 2.63 0.60 -5.74
C ALA A 7 2.17 1.36 -4.51
N CYS A 8 0.89 1.25 -4.20
CA CYS A 8 0.33 1.90 -3.02
C CYS A 8 0.82 1.21 -1.76
N ASN A 9 1.30 -0.02 -1.88
CA ASN A 9 1.80 -0.77 -0.74
C ASN A 9 3.26 -0.41 -0.43
N VAL A 10 3.95 0.20 -1.39
CA VAL A 10 5.36 0.50 -1.20
C VAL A 10 5.54 1.81 -0.45
N ASN A 11 4.74 2.82 -0.78
CA ASN A 11 4.77 4.09 -0.06
C ASN A 11 3.82 4.03 1.12
N ASN A 12 3.05 2.95 1.21
CA ASN A 12 2.17 2.69 2.34
C ASN A 12 2.29 1.23 2.80
N PRO A 13 3.43 0.87 3.42
CA PRO A 13 3.74 -0.53 3.75
C PRO A 13 3.16 -0.99 5.08
N HIS A 14 3.25 -0.15 6.09
CA HIS A 14 2.80 -0.53 7.44
C HIS A 14 1.40 -0.01 7.71
N ILE A 15 0.97 0.93 6.89
CA ILE A 15 -0.35 1.52 7.04
C ILE A 15 -1.33 0.89 6.06
N CYS A 16 -0.81 0.47 4.93
CA CYS A 16 -1.65 0.02 3.83
C CYS A 16 -1.14 -1.28 3.23
N GLY A 17 -0.09 -1.84 3.81
CA GLY A 17 0.44 -3.09 3.32
C GLY A 17 -0.04 -4.28 4.12
#